data_4C76
#
_entry.id   4C76
#
_cell.length_a   124.730
_cell.length_b   124.730
_cell.length_c   45.340
_cell.angle_alpha   90.00
_cell.angle_beta   90.00
_cell.angle_gamma   120.00
#
_symmetry.space_group_name_H-M   'P 64'
#
loop_
_entity.id
_entity.type
_entity.pdbx_description
1 polymer 'FMN REDUCTASE (NADPH)'
2 non-polymer 'SODIUM ION'
3 non-polymer DI(HYDROXYETHYL)ETHER
4 non-polymer 'TRIETHYLENE GLYCOL'
5 water water
#
_entity_poly.entity_id   1
_entity_poly.type   'polypeptide(L)'
_entity_poly.pdbx_seq_one_letter_code
;(MSE)GSSHHHHHHSSGLVPRGSH(MSE)NARVIRVVVVSGSLRAPSRTHGLLQALVERLPAVLPKLEVHWVRIAELSAS
LAGSLERDSASADLQPHLQAIEQADLLLVGSPVYRASYTGLFKHLFDLVDHQSLKGVPVVLAATGGSERHAL(MSE)IDH
QLRPLFAFFQAHTLPYGLYASVESFDDQRLADPAQFERIERVLDTVGAFFHIPVAR
;
_entity_poly.pdbx_strand_id   A,B
#
# COMPACT_ATOMS: atom_id res chain seq x y z
N ALA A 23 12.00 -18.53 9.91
CA ALA A 23 11.92 -17.06 10.16
C ALA A 23 10.49 -16.49 10.01
N ARG A 24 10.13 -15.60 10.94
CA ARG A 24 8.86 -14.87 10.94
CA ARG A 24 8.86 -14.87 10.94
C ARG A 24 8.86 -13.80 9.83
N VAL A 25 7.74 -13.62 9.14
CA VAL A 25 7.68 -12.49 8.21
C VAL A 25 7.44 -11.23 9.06
N ILE A 26 8.32 -10.23 8.96
CA ILE A 26 8.15 -8.97 9.71
CA ILE A 26 8.12 -8.99 9.71
C ILE A 26 7.14 -8.07 8.99
N ARG A 27 6.08 -7.67 9.69
CA ARG A 27 5.11 -6.77 9.09
C ARG A 27 5.52 -5.31 9.30
N VAL A 28 5.78 -4.62 8.20
CA VAL A 28 6.25 -3.25 8.19
C VAL A 28 5.15 -2.39 7.64
N VAL A 29 4.78 -1.35 8.39
CA VAL A 29 3.75 -0.41 7.95
C VAL A 29 4.37 0.96 7.87
N VAL A 30 4.13 1.61 6.74
CA VAL A 30 4.75 2.89 6.40
C VAL A 30 3.66 3.95 6.30
N VAL A 31 3.68 4.93 7.22
CA VAL A 31 2.64 5.97 7.25
C VAL A 31 3.25 7.25 6.66
N SER A 32 2.68 7.70 5.55
CA SER A 32 3.10 8.91 4.86
C SER A 32 2.08 10.01 5.14
N GLY A 33 2.50 11.06 5.84
CA GLY A 33 1.60 12.11 6.34
C GLY A 33 1.34 13.29 5.43
N SER A 34 1.89 13.30 4.20
CA SER A 34 1.67 14.39 3.24
CA SER A 34 1.67 14.42 3.29
C SER A 34 0.20 14.55 2.90
N LEU A 35 -0.25 15.80 2.73
CA LEU A 35 -1.64 16.05 2.33
C LEU A 35 -1.81 15.87 0.81
N ARG A 36 -0.72 15.96 0.05
CA ARG A 36 -0.78 15.81 -1.41
C ARG A 36 0.23 14.81 -1.94
N ALA A 37 -0.06 14.27 -3.12
CA ALA A 37 0.84 13.40 -3.87
C ALA A 37 1.12 14.04 -5.24
N PRO A 38 2.35 13.90 -5.76
CA PRO A 38 3.51 13.25 -5.14
C PRO A 38 4.09 14.12 -4.03
N SER A 39 4.99 13.59 -3.21
CA SER A 39 5.56 14.44 -2.14
C SER A 39 7.00 14.05 -1.80
N ARG A 40 7.78 15.02 -1.32
CA ARG A 40 9.14 14.73 -0.87
C ARG A 40 9.16 13.76 0.32
N THR A 41 8.15 13.84 1.19
CA THR A 41 8.07 12.94 2.32
C THR A 41 7.92 11.53 1.86
N HIS A 42 7.06 11.34 0.85
CA HIS A 42 6.92 10.05 0.23
C HIS A 42 8.24 9.56 -0.33
N GLY A 43 8.93 10.41 -1.09
CA GLY A 43 10.22 10.05 -1.66
C GLY A 43 11.23 9.63 -0.58
N LEU A 44 11.24 10.34 0.57
CA LEU A 44 12.14 9.99 1.67
C LEU A 44 11.79 8.61 2.21
N LEU A 45 10.50 8.38 2.42
CA LEU A 45 10.05 7.06 2.87
C LEU A 45 10.35 5.94 1.86
N GLN A 46 10.15 6.19 0.57
CA GLN A 46 10.48 5.20 -0.47
C GLN A 46 11.95 4.75 -0.40
N ALA A 47 12.85 5.74 -0.28
CA ALA A 47 14.30 5.49 -0.21
C ALA A 47 14.64 4.57 0.96
N LEU A 48 13.98 4.80 2.09
CA LEU A 48 14.18 3.92 3.25
C LEU A 48 13.63 2.53 2.98
N VAL A 49 12.42 2.47 2.43
CA VAL A 49 11.71 1.22 2.19
C VAL A 49 12.49 0.37 1.18
N GLU A 50 13.08 1.03 0.19
CA GLU A 50 13.82 0.33 -0.87
CA GLU A 50 13.82 0.34 -0.88
C GLU A 50 15.00 -0.47 -0.34
N ARG A 51 15.66 0.05 0.72
CA ARG A 51 16.82 -0.60 1.37
C ARG A 51 16.48 -1.55 2.52
N LEU A 52 15.22 -1.53 2.93
CA LEU A 52 14.76 -2.37 4.05
CA LEU A 52 14.74 -2.38 4.04
C LEU A 52 15.01 -3.87 3.84
N PRO A 53 14.80 -4.40 2.60
CA PRO A 53 15.04 -5.84 2.47
C PRO A 53 16.50 -6.27 2.66
N ALA A 54 17.44 -5.33 2.62
CA ALA A 54 18.84 -5.67 2.86
C ALA A 54 19.11 -6.01 4.33
N VAL A 55 18.21 -5.66 5.24
CA VAL A 55 18.44 -5.98 6.66
C VAL A 55 17.46 -6.99 7.23
N LEU A 56 16.31 -7.18 6.56
CA LEU A 56 15.28 -8.13 7.03
C LEU A 56 15.16 -9.30 6.05
N PRO A 57 15.47 -10.53 6.49
CA PRO A 57 15.33 -11.68 5.56
C PRO A 57 13.89 -11.95 5.11
N LYS A 58 12.90 -11.74 5.99
CA LYS A 58 11.49 -11.90 5.60
C LYS A 58 10.67 -10.68 6.03
N LEU A 59 9.90 -10.13 5.10
CA LEU A 59 9.10 -8.93 5.43
C LEU A 59 7.95 -8.73 4.46
N GLU A 60 6.87 -8.13 4.96
CA GLU A 60 5.78 -7.62 4.09
C GLU A 60 5.65 -6.15 4.39
N VAL A 61 5.72 -5.32 3.36
CA VAL A 61 5.62 -3.87 3.54
C VAL A 61 4.31 -3.34 2.98
N HIS A 62 3.58 -2.60 3.82
CA HIS A 62 2.31 -1.99 3.47
C HIS A 62 2.34 -0.47 3.72
N TRP A 63 1.55 0.29 2.97
CA TRP A 63 1.61 1.74 3.04
C TRP A 63 0.28 2.29 3.54
N VAL A 64 0.36 3.39 4.28
CA VAL A 64 -0.84 4.15 4.64
C VAL A 64 -0.58 5.59 4.23
N ARG A 65 -1.31 6.05 3.23
CA ARG A 65 -0.99 7.34 2.63
C ARG A 65 -2.10 8.37 2.91
N ILE A 66 -1.84 9.32 3.79
CA ILE A 66 -2.86 10.33 4.19
C ILE A 66 -3.51 11.03 2.98
N ALA A 67 -2.70 11.33 1.96
CA ALA A 67 -3.15 12.05 0.79
C ALA A 67 -4.34 11.40 0.08
N GLU A 68 -4.54 10.11 0.33
CA GLU A 68 -5.62 9.34 -0.28
C GLU A 68 -6.74 9.07 0.70
N LEU A 69 -6.58 9.48 1.95
CA LEU A 69 -7.56 9.07 2.96
C LEU A 69 -8.43 10.17 3.55
N SER A 70 -8.33 11.37 3.02
CA SER A 70 -9.08 12.51 3.60
C SER A 70 -10.59 12.22 3.81
N ALA A 71 -11.21 11.54 2.85
CA ALA A 71 -12.62 11.15 2.93
C ALA A 71 -12.92 10.22 4.10
N SER A 72 -12.18 9.11 4.17
CA SER A 72 -12.32 8.15 5.25
CA SER A 72 -12.36 8.16 5.26
C SER A 72 -11.98 8.78 6.62
N LEU A 73 -10.95 9.65 6.62
CA LEU A 73 -10.52 10.35 7.86
C LEU A 73 -11.62 11.24 8.45
N ALA A 74 -12.25 12.06 7.61
CA ALA A 74 -13.36 12.94 7.98
C ALA A 74 -14.53 12.19 8.61
N GLY A 75 -14.83 11.02 8.06
CA GLY A 75 -15.89 10.18 8.56
C GLY A 75 -15.59 9.40 9.84
N SER A 76 -14.35 9.50 10.34
CA SER A 76 -13.94 8.71 11.49
C SER A 76 -13.55 9.58 12.69
N LEU A 77 -14.39 9.59 13.73
CA LEU A 77 -14.15 10.44 14.91
C LEU A 77 -13.82 9.64 16.16
N GLU A 78 -14.10 8.33 16.12
CA GLU A 78 -13.71 7.37 17.16
CA GLU A 78 -13.65 7.39 17.14
C GLU A 78 -13.22 6.07 16.51
N ARG A 79 -12.31 5.37 17.19
CA ARG A 79 -11.78 4.09 16.70
C ARG A 79 -12.88 3.07 16.38
N ASP A 80 -13.73 2.78 17.36
CA ASP A 80 -14.77 1.76 17.20
CA ASP A 80 -14.80 1.78 17.24
C ASP A 80 -15.86 2.13 16.19
N SER A 81 -15.95 3.41 15.83
CA SER A 81 -16.94 3.86 14.84
C SER A 81 -16.30 4.31 13.51
N ALA A 82 -15.00 4.06 13.35
CA ALA A 82 -14.28 4.49 12.13
C ALA A 82 -14.85 3.84 10.87
N SER A 83 -14.85 4.60 9.77
CA SER A 83 -15.38 4.09 8.51
CA SER A 83 -15.34 4.12 8.47
C SER A 83 -14.73 2.78 8.09
N ALA A 84 -15.53 1.93 7.44
CA ALA A 84 -15.09 0.60 7.02
C ALA A 84 -13.83 0.67 6.16
N ASP A 85 -13.68 1.74 5.38
CA ASP A 85 -12.52 1.89 4.48
C ASP A 85 -11.23 2.36 5.18
N LEU A 86 -11.37 2.90 6.40
CA LEU A 86 -10.18 3.28 7.21
C LEU A 86 -9.73 2.16 8.15
N GLN A 87 -10.67 1.28 8.48
CA GLN A 87 -10.40 0.16 9.36
C GLN A 87 -9.16 -0.68 8.95
N PRO A 88 -8.98 -1.01 7.64
CA PRO A 88 -7.77 -1.78 7.26
C PRO A 88 -6.44 -1.08 7.64
N HIS A 89 -6.42 0.24 7.49
CA HIS A 89 -5.23 1.06 7.77
C HIS A 89 -4.94 1.10 9.26
N LEU A 90 -5.99 1.26 10.07
CA LEU A 90 -5.85 1.24 11.51
C LEU A 90 -5.34 -0.12 12.02
N GLN A 91 -5.97 -1.20 11.57
CA GLN A 91 -5.55 -2.55 11.95
CA GLN A 91 -5.55 -2.57 11.92
C GLN A 91 -4.09 -2.82 11.56
N ALA A 92 -3.70 -2.40 10.36
CA ALA A 92 -2.33 -2.59 9.90
C ALA A 92 -1.32 -1.93 10.87
N ILE A 93 -1.57 -0.67 11.21
CA ILE A 93 -0.74 0.06 12.18
C ILE A 93 -0.70 -0.64 13.53
N GLU A 94 -1.88 -1.06 14.01
CA GLU A 94 -2.02 -1.70 15.31
C GLU A 94 -1.42 -3.07 15.34
N GLN A 95 -1.22 -3.69 14.17
CA GLN A 95 -0.61 -5.01 14.17
C GLN A 95 0.81 -5.02 13.61
N ALA A 96 1.36 -3.86 13.26
CA ALA A 96 2.70 -3.81 12.66
C ALA A 96 3.79 -4.31 13.59
N ASP A 97 4.75 -5.05 13.05
CA ASP A 97 6.00 -5.35 13.78
C ASP A 97 7.00 -4.19 13.75
N LEU A 98 6.94 -3.39 12.69
CA LEU A 98 7.80 -2.21 12.54
C LEU A 98 7.03 -1.08 11.86
N LEU A 99 7.13 0.14 12.39
CA LEU A 99 6.43 1.28 11.80
CA LEU A 99 6.44 1.30 11.79
C LEU A 99 7.46 2.27 11.28
N LEU A 100 7.25 2.76 10.06
CA LEU A 100 8.07 3.83 9.52
C LEU A 100 7.09 4.96 9.34
N VAL A 101 7.36 6.12 9.92
CA VAL A 101 6.43 7.25 9.80
C VAL A 101 7.13 8.50 9.29
N GLY A 102 6.47 9.22 8.39
CA GLY A 102 7.04 10.44 7.85
C GLY A 102 5.93 11.46 7.70
N SER A 103 6.27 12.71 7.95
CA SER A 103 5.32 13.81 7.68
C SER A 103 6.10 15.02 7.18
N PRO A 104 5.51 15.80 6.24
CA PRO A 104 6.18 17.07 6.01
C PRO A 104 5.96 17.96 7.22
N VAL A 105 6.80 18.98 7.35
CA VAL A 105 6.71 19.92 8.46
C VAL A 105 5.63 20.95 8.13
N TYR A 106 4.59 21.00 8.96
CA TYR A 106 3.52 22.02 8.88
C TYR A 106 3.42 22.68 10.25
N ARG A 107 3.52 24.01 10.27
CA ARG A 107 3.38 24.79 11.52
C ARG A 107 4.35 24.19 12.57
N ALA A 108 5.57 23.91 12.11
CA ALA A 108 6.67 23.42 12.97
C ALA A 108 6.36 22.08 13.65
N SER A 109 5.49 21.28 13.03
CA SER A 109 5.10 19.96 13.56
C SER A 109 4.73 19.03 12.41
N TYR A 110 4.14 17.88 12.71
CA TYR A 110 3.63 16.97 11.66
C TYR A 110 2.25 17.52 11.22
N THR A 111 1.69 17.00 10.12
CA THR A 111 0.37 17.47 9.67
C THR A 111 -0.75 17.05 10.63
N GLY A 112 -1.80 17.87 10.74
CA GLY A 112 -2.92 17.50 11.62
C GLY A 112 -3.64 16.23 11.19
N LEU A 113 -3.74 16.00 9.87
CA LEU A 113 -4.41 14.76 9.40
C LEU A 113 -3.61 13.49 9.77
N PHE A 114 -2.28 13.58 9.70
CA PHE A 114 -1.39 12.51 10.23
C PHE A 114 -1.71 12.33 11.72
N LYS A 115 -1.85 13.44 12.45
CA LYS A 115 -2.17 13.36 13.87
C LYS A 115 -3.56 12.75 14.07
N HIS A 116 -4.52 13.11 13.22
CA HIS A 116 -5.89 12.60 13.35
C HIS A 116 -5.88 11.08 13.21
N LEU A 117 -5.12 10.60 12.24
CA LEU A 117 -4.89 9.15 12.12
C LEU A 117 -4.48 8.52 13.43
N PHE A 118 -3.45 9.07 14.09
CA PHE A 118 -2.98 8.51 15.36
C PHE A 118 -3.88 8.76 16.57
N ASP A 119 -4.79 9.71 16.45
CA ASP A 119 -5.81 9.92 17.51
C ASP A 119 -6.81 8.78 17.51
N LEU A 120 -6.91 8.09 16.37
CA LEU A 120 -7.76 6.89 16.23
C LEU A 120 -7.03 5.57 16.53
N VAL A 121 -5.74 5.49 16.16
CA VAL A 121 -4.97 4.25 16.41
C VAL A 121 -5.04 3.86 17.87
N ASP A 122 -5.32 2.58 18.14
CA ASP A 122 -5.41 2.12 19.51
C ASP A 122 -4.16 2.45 20.34
N HIS A 123 -4.36 3.10 21.48
CA HIS A 123 -3.22 3.62 22.24
C HIS A 123 -2.47 2.57 23.09
N GLN A 124 -2.97 1.33 23.13
CA GLN A 124 -2.20 0.23 23.71
C GLN A 124 -1.41 -0.54 22.66
N SER A 125 -1.68 -0.27 21.40
CA SER A 125 -1.21 -1.19 20.36
C SER A 125 0.25 -1.04 19.92
N LEU A 126 0.90 0.06 20.32
CA LEU A 126 2.24 0.34 19.76
C LEU A 126 3.35 0.23 20.81
N LYS A 127 2.98 -0.16 22.03
CA LYS A 127 3.93 -0.24 23.12
C LYS A 127 5.08 -1.15 22.72
N GLY A 128 6.29 -0.61 22.78
CA GLY A 128 7.48 -1.39 22.54
C GLY A 128 7.75 -1.71 21.06
N VAL A 129 6.91 -1.18 20.17
CA VAL A 129 7.06 -1.44 18.72
C VAL A 129 8.13 -0.50 18.17
N PRO A 130 9.11 -1.04 17.42
CA PRO A 130 10.11 -0.11 16.88
C PRO A 130 9.52 0.86 15.87
N VAL A 131 9.93 2.12 15.94
CA VAL A 131 9.37 3.15 15.05
C VAL A 131 10.52 3.97 14.48
N VAL A 132 10.57 4.11 13.16
CA VAL A 132 11.50 5.04 12.53
C VAL A 132 10.78 6.38 12.29
N LEU A 133 11.35 7.49 12.75
CA LEU A 133 10.77 8.83 12.53
C LEU A 133 11.43 9.55 11.38
N ALA A 134 10.61 10.13 10.47
CA ALA A 134 11.13 10.88 9.33
C ALA A 134 10.27 12.13 9.07
N ALA A 135 10.88 13.15 8.48
CA ALA A 135 10.16 14.37 8.11
C ALA A 135 10.92 15.08 7.01
N THR A 136 10.19 15.88 6.25
CA THR A 136 10.79 16.77 5.28
C THR A 136 10.27 18.18 5.59
N GLY A 137 11.12 19.18 5.41
CA GLY A 137 10.67 20.56 5.67
C GLY A 137 11.19 21.48 4.60
N GLY A 138 10.60 22.67 4.51
CA GLY A 138 11.15 23.71 3.62
C GLY A 138 12.46 24.22 4.16
N SER A 139 12.63 24.13 5.48
CA SER A 139 13.80 24.68 6.16
C SER A 139 14.43 23.78 7.23
N GLU A 140 15.74 23.90 7.36
CA GLU A 140 16.51 23.36 8.47
C GLU A 140 16.06 23.87 9.85
N ARG A 141 15.47 25.07 9.89
CA ARG A 141 15.03 25.72 11.13
CA ARG A 141 15.09 25.68 11.16
C ARG A 141 14.06 24.87 11.95
N HIS A 142 13.40 23.92 11.30
CA HIS A 142 12.47 23.05 12.03
C HIS A 142 12.96 21.64 12.24
N ALA A 143 14.29 21.43 12.19
CA ALA A 143 14.84 20.09 12.36
C ALA A 143 14.46 19.46 13.73
N LEU A 144 14.27 20.30 14.75
CA LEU A 144 13.87 19.83 16.10
C LEU A 144 12.46 19.24 16.21
N ILE A 146 11.56 16.66 14.85
CA ILE A 146 11.75 15.23 15.02
C ILE A 146 11.69 14.89 16.51
N ASP A 147 12.46 15.62 17.33
CA ASP A 147 12.64 15.23 18.74
C ASP A 147 11.68 15.87 19.72
N HIS A 148 11.04 16.96 19.29
CA HIS A 148 10.07 17.69 20.13
C HIS A 148 8.61 17.54 19.70
N GLN A 149 8.38 16.93 18.53
CA GLN A 149 7.00 16.70 18.04
CA GLN A 149 7.01 16.70 18.02
C GLN A 149 6.76 15.23 17.70
N LEU A 150 7.49 14.70 16.73
CA LEU A 150 7.27 13.29 16.34
C LEU A 150 7.66 12.30 17.43
N ARG A 151 8.84 12.49 18.02
CA ARG A 151 9.27 11.53 19.06
C ARG A 151 8.33 11.52 20.27
N PRO A 152 7.90 12.69 20.77
CA PRO A 152 6.92 12.67 21.88
C PRO A 152 5.58 12.04 21.49
N LEU A 153 5.14 12.22 20.23
CA LEU A 153 3.89 11.57 19.81
C LEU A 153 3.98 10.06 20.04
N PHE A 154 5.07 9.47 19.56
CA PHE A 154 5.27 8.02 19.67
C PHE A 154 5.67 7.58 21.07
N ALA A 155 6.35 8.46 21.81
CA ALA A 155 6.55 8.19 23.23
C ALA A 155 5.22 8.12 24.03
N PHE A 156 4.17 8.83 23.59
CA PHE A 156 2.85 8.73 24.26
C PHE A 156 2.34 7.29 24.19
N PHE A 157 2.58 6.67 23.04
CA PHE A 157 2.20 5.29 22.79
C PHE A 157 3.18 4.32 23.43
N GLN A 158 4.21 4.86 24.06
CA GLN A 158 5.36 4.10 24.58
C GLN A 158 6.00 3.18 23.52
N ALA A 159 6.00 3.64 22.27
CA ALA A 159 6.62 2.91 21.19
C ALA A 159 8.12 3.01 21.34
N HIS A 160 8.82 2.08 20.70
CA HIS A 160 10.28 2.04 20.80
C HIS A 160 10.83 2.90 19.63
N THR A 161 10.75 4.22 19.76
CA THR A 161 11.35 5.05 18.69
C THR A 161 12.83 4.70 18.57
N LEU A 162 13.35 4.68 17.34
CA LEU A 162 14.73 4.29 17.12
C LEU A 162 15.61 5.56 17.13
N PRO A 163 16.90 5.44 17.47
CA PRO A 163 17.67 6.65 17.80
C PRO A 163 17.84 7.68 16.68
N TYR A 164 18.01 7.21 15.44
CA TYR A 164 18.39 8.14 14.33
C TYR A 164 17.12 8.47 13.55
N GLY A 165 16.68 9.72 13.68
CA GLY A 165 15.55 10.20 12.89
C GLY A 165 16.05 10.76 11.56
N LEU A 166 15.18 10.80 10.57
CA LEU A 166 15.54 11.39 9.26
C LEU A 166 14.84 12.74 9.12
N TYR A 167 15.61 13.78 8.82
CA TYR A 167 15.03 15.09 8.54
C TYR A 167 15.73 15.60 7.28
N ALA A 168 14.98 15.79 6.21
CA ALA A 168 15.57 16.24 4.95
C ALA A 168 14.83 17.50 4.51
N SER A 169 15.57 18.59 4.32
CA SER A 169 14.93 19.78 3.79
C SER A 169 14.88 19.72 2.25
N VAL A 170 14.28 20.73 1.63
CA VAL A 170 14.01 20.71 0.19
CA VAL A 170 14.01 20.72 0.18
C VAL A 170 15.25 20.47 -0.70
N GLU A 171 16.41 20.97 -0.27
CA GLU A 171 17.66 20.83 -1.02
CA GLU A 171 17.62 20.83 -1.10
C GLU A 171 18.14 19.39 -1.21
N SER A 172 17.59 18.47 -0.42
CA SER A 172 18.01 17.07 -0.51
C SER A 172 17.30 16.31 -1.64
N PHE A 173 16.42 16.99 -2.36
CA PHE A 173 15.54 16.30 -3.29
C PHE A 173 15.65 16.87 -4.70
N ASP A 174 15.50 15.99 -5.69
CA ASP A 174 15.22 16.39 -7.07
C ASP A 174 13.77 16.16 -7.30
N ASP A 175 12.99 17.23 -7.36
CA ASP A 175 11.53 17.15 -7.30
C ASP A 175 11.17 16.38 -6.02
N GLN A 176 10.61 15.19 -6.17
CA GLN A 176 10.14 14.46 -5.00
C GLN A 176 10.98 13.24 -4.69
N ARG A 177 12.08 13.06 -5.44
CA ARG A 177 12.98 11.92 -5.27
C ARG A 177 14.15 12.33 -4.40
N LEU A 178 14.48 11.54 -3.39
CA LEU A 178 15.67 11.81 -2.59
C LEU A 178 16.93 11.76 -3.45
N ALA A 179 17.80 12.76 -3.35
CA ALA A 179 19.00 12.78 -4.20
C ALA A 179 20.28 13.16 -3.44
N ASP A 180 20.23 13.06 -2.11
CA ASP A 180 21.32 13.55 -1.25
C ASP A 180 22.08 12.38 -0.62
N PRO A 181 23.36 12.19 -1.02
CA PRO A 181 24.17 11.05 -0.56
C PRO A 181 24.20 10.98 0.98
N ALA A 182 24.17 12.14 1.65
CA ALA A 182 24.20 12.17 3.14
C ALA A 182 22.92 11.56 3.75
N GLN A 183 21.78 11.80 3.10
CA GLN A 183 20.53 11.18 3.52
C GLN A 183 20.51 9.67 3.26
N PHE A 184 21.04 9.25 2.11
CA PHE A 184 21.16 7.81 1.81
C PHE A 184 22.05 7.13 2.84
N GLU A 185 23.09 7.81 3.26
CA GLU A 185 23.92 7.24 4.32
C GLU A 185 23.24 7.19 5.67
N ARG A 186 22.50 8.21 6.03
CA ARG A 186 21.84 8.16 7.31
C ARG A 186 20.77 7.06 7.28
N ILE A 187 20.13 6.84 6.11
CA ILE A 187 19.21 5.69 5.94
C ILE A 187 19.88 4.36 6.30
N GLU A 188 21.14 4.21 5.94
CA GLU A 188 21.88 2.97 6.23
C GLU A 188 22.09 2.80 7.75
N ARG A 189 22.38 3.90 8.46
CA ARG A 189 22.49 3.89 9.92
C ARG A 189 21.15 3.53 10.57
N VAL A 190 20.07 4.06 10.04
CA VAL A 190 18.71 3.68 10.52
C VAL A 190 18.50 2.16 10.37
N LEU A 191 18.86 1.65 9.20
CA LEU A 191 18.70 0.25 8.93
C LEU A 191 19.58 -0.62 9.81
N ASP A 192 20.80 -0.14 10.14
CA ASP A 192 21.60 -0.83 11.15
C ASP A 192 20.76 -1.03 12.43
N THR A 193 20.06 0.02 12.87
CA THR A 193 19.31 -0.09 14.13
C THR A 193 18.08 -0.98 14.00
N VAL A 194 17.49 -1.03 12.81
CA VAL A 194 16.37 -1.94 12.54
C VAL A 194 16.86 -3.40 12.63
N GLY A 195 17.97 -3.71 11.94
CA GLY A 195 18.53 -5.06 11.94
C GLY A 195 18.90 -5.48 13.37
N ALA A 196 19.48 -4.57 14.13
CA ALA A 196 19.90 -4.84 15.51
C ALA A 196 18.69 -5.14 16.39
N PHE A 197 17.61 -4.40 16.18
CA PHE A 197 16.41 -4.56 17.02
C PHE A 197 15.81 -5.96 16.82
N PHE A 198 15.80 -6.42 15.58
CA PHE A 198 15.28 -7.75 15.27
C PHE A 198 16.32 -8.85 15.42
N HIS A 199 17.48 -8.46 15.94
CA HIS A 199 18.59 -9.38 16.29
C HIS A 199 18.99 -10.14 15.03
N ILE A 200 18.87 -9.47 13.89
CA ILE A 200 19.32 -10.05 12.62
C ILE A 200 20.84 -10.08 12.63
N PRO A 201 21.44 -11.29 12.58
CA PRO A 201 22.91 -11.46 12.69
C PRO A 201 23.63 -10.48 11.76
N VAL A 202 24.37 -9.54 12.37
CA VAL A 202 24.79 -8.31 11.70
C VAL A 202 25.82 -8.53 10.57
N ALA A 203 25.32 -8.62 9.34
CA ALA A 203 26.17 -8.89 8.17
C ALA A 203 25.51 -8.55 6.82
N ARG A 204 25.75 -7.32 6.34
CA ARG A 204 25.42 -6.93 4.95
C ARG A 204 26.31 -5.78 4.49
N ALA B 23 16.78 -12.69 -3.11
CA ALA B 23 17.42 -11.74 -2.15
C ALA B 23 16.62 -10.46 -1.97
N ARG B 24 15.79 -10.12 -2.96
CA ARG B 24 15.01 -8.86 -2.92
C ARG B 24 13.49 -8.97 -3.02
N VAL B 25 12.84 -7.82 -2.90
CA VAL B 25 11.40 -7.72 -2.67
C VAL B 25 10.55 -7.86 -3.97
N ILE B 26 9.44 -8.60 -3.87
CA ILE B 26 8.46 -8.60 -4.96
CA ILE B 26 8.43 -8.63 -4.93
C ILE B 26 7.50 -7.43 -4.77
N ARG B 27 7.44 -6.58 -5.78
CA ARG B 27 6.54 -5.42 -5.75
C ARG B 27 5.17 -5.79 -6.25
N VAL B 28 4.21 -5.78 -5.33
CA VAL B 28 2.84 -6.16 -5.63
C VAL B 28 1.99 -4.90 -5.78
N VAL B 29 1.21 -4.83 -6.86
CA VAL B 29 0.30 -3.73 -7.01
C VAL B 29 -1.13 -4.30 -7.06
N VAL B 30 -1.98 -3.73 -6.23
CA VAL B 30 -3.36 -4.14 -6.16
C VAL B 30 -4.21 -3.00 -6.75
N VAL B 31 -5.01 -3.31 -7.77
CA VAL B 31 -5.93 -2.32 -8.36
C VAL B 31 -7.38 -2.66 -8.02
N SER B 32 -8.07 -1.77 -7.31
CA SER B 32 -9.48 -1.99 -7.03
C SER B 32 -10.30 -1.09 -7.93
N GLY B 33 -11.25 -1.67 -8.67
CA GLY B 33 -11.98 -0.91 -9.68
C GLY B 33 -13.32 -0.40 -9.18
N SER B 34 -13.63 -0.58 -7.89
CA SER B 34 -14.91 -0.13 -7.35
C SER B 34 -15.01 1.38 -7.48
N LEU B 35 -16.19 1.88 -7.82
CA LEU B 35 -16.44 3.32 -7.86
C LEU B 35 -16.68 3.89 -6.45
N ARG B 36 -17.13 3.05 -5.52
CA ARG B 36 -17.33 3.47 -4.13
CA ARG B 36 -17.34 3.47 -4.13
C ARG B 36 -16.48 2.68 -3.14
N ALA B 37 -16.24 3.28 -1.98
CA ALA B 37 -15.56 2.63 -0.86
C ALA B 37 -16.43 2.86 0.37
N PRO B 38 -16.56 1.84 1.25
CA PRO B 38 -15.99 0.49 1.17
C PRO B 38 -16.67 -0.34 0.05
N SER B 39 -16.10 -1.48 -0.29
CA SER B 39 -16.68 -2.30 -1.37
C SER B 39 -16.32 -3.78 -1.19
N ARG B 40 -17.13 -4.66 -1.74
CA ARG B 40 -16.89 -6.11 -1.61
C ARG B 40 -15.61 -6.45 -2.36
N THR B 41 -15.38 -5.74 -3.46
CA THR B 41 -14.18 -5.90 -4.26
C THR B 41 -12.91 -5.67 -3.44
N HIS B 42 -12.88 -4.58 -2.66
CA HIS B 42 -11.77 -4.33 -1.73
CA HIS B 42 -11.77 -4.34 -1.76
C HIS B 42 -11.61 -5.52 -0.78
N GLY B 43 -12.76 -6.00 -0.25
CA GLY B 43 -12.76 -7.11 0.72
C GLY B 43 -12.10 -8.36 0.17
N LEU B 44 -12.47 -8.69 -1.08
CA LEU B 44 -11.93 -9.87 -1.75
C LEU B 44 -10.44 -9.72 -2.00
N LEU B 45 -10.03 -8.56 -2.49
CA LEU B 45 -8.61 -8.30 -2.70
C LEU B 45 -7.85 -8.33 -1.38
N GLN B 46 -8.44 -7.74 -0.33
CA GLN B 46 -7.76 -7.73 0.97
CA GLN B 46 -7.79 -7.73 0.99
C GLN B 46 -7.52 -9.15 1.50
N ALA B 47 -8.51 -10.02 1.36
CA ALA B 47 -8.36 -11.42 1.82
C ALA B 47 -7.19 -12.11 1.10
N LEU B 48 -7.04 -11.78 -0.17
CA LEU B 48 -5.95 -12.30 -0.96
C LEU B 48 -4.62 -11.71 -0.50
N VAL B 49 -4.58 -10.39 -0.32
CA VAL B 49 -3.34 -9.69 0.08
C VAL B 49 -2.81 -10.20 1.45
N GLU B 50 -3.74 -10.37 2.38
CA GLU B 50 -3.44 -10.86 3.72
C GLU B 50 -2.72 -12.19 3.71
N ARG B 51 -2.97 -13.01 2.70
CA ARG B 51 -2.39 -14.35 2.66
C ARG B 51 -1.12 -14.47 1.83
N LEU B 52 -0.78 -13.43 1.06
CA LEU B 52 0.42 -13.48 0.22
CA LEU B 52 0.41 -13.47 0.22
C LEU B 52 1.71 -13.86 0.96
N PRO B 53 1.91 -13.33 2.20
CA PRO B 53 3.18 -13.70 2.86
C PRO B 53 3.33 -15.20 3.22
N ALA B 54 2.25 -15.97 3.17
CA ALA B 54 2.36 -17.45 3.26
C ALA B 54 3.17 -18.08 2.12
N VAL B 55 3.27 -17.38 0.97
CA VAL B 55 4.03 -17.92 -0.15
C VAL B 55 5.19 -17.05 -0.58
N LEU B 56 5.09 -15.74 -0.34
CA LEU B 56 6.17 -14.82 -0.72
C LEU B 56 6.87 -14.31 0.55
N PRO B 57 8.17 -14.60 0.72
CA PRO B 57 8.87 -14.21 1.96
C PRO B 57 9.20 -12.70 2.02
N LYS B 58 9.31 -12.05 0.86
CA LYS B 58 9.70 -10.64 0.78
C LYS B 58 8.81 -9.89 -0.23
N LEU B 59 7.96 -9.01 0.29
CA LEU B 59 7.00 -8.30 -0.57
C LEU B 59 6.69 -6.89 -0.10
N GLU B 60 6.30 -6.05 -1.05
CA GLU B 60 5.82 -4.73 -0.76
C GLU B 60 4.57 -4.51 -1.63
N VAL B 61 3.52 -3.99 -0.99
CA VAL B 61 2.19 -3.83 -1.60
C VAL B 61 1.83 -2.36 -1.79
N HIS B 62 1.43 -2.01 -3.01
CA HIS B 62 0.90 -0.68 -3.31
C HIS B 62 -0.53 -0.87 -3.84
N TRP B 63 -1.51 -0.20 -3.21
CA TRP B 63 -2.90 -0.20 -3.69
C TRP B 63 -3.21 1.00 -4.58
N VAL B 64 -3.99 0.73 -5.64
CA VAL B 64 -4.52 1.78 -6.50
C VAL B 64 -6.04 1.63 -6.35
N ARG B 65 -6.68 2.57 -5.66
CA ARG B 65 -8.14 2.53 -5.52
C ARG B 65 -8.81 3.58 -6.38
N ILE B 66 -9.48 3.13 -7.45
CA ILE B 66 -10.26 3.99 -8.38
CA ILE B 66 -10.21 4.02 -8.36
C ILE B 66 -11.13 4.99 -7.59
N ALA B 67 -11.74 4.50 -6.52
CA ALA B 67 -12.69 5.31 -5.72
C ALA B 67 -12.04 6.54 -5.07
N GLU B 68 -10.74 6.47 -4.80
CA GLU B 68 -10.02 7.62 -4.27
C GLU B 68 -9.45 8.49 -5.40
N LEU B 69 -9.30 7.88 -6.58
CA LEU B 69 -8.64 8.55 -7.70
C LEU B 69 -9.58 9.02 -8.84
N SER B 70 -10.88 8.88 -8.61
CA SER B 70 -11.90 9.03 -9.66
CA SER B 70 -11.91 9.03 -9.66
C SER B 70 -11.75 10.29 -10.49
N ALA B 71 -11.62 11.43 -9.81
CA ALA B 71 -11.53 12.70 -10.49
C ALA B 71 -10.21 12.83 -11.24
N SER B 72 -9.07 12.50 -10.60
CA SER B 72 -7.76 12.58 -11.30
C SER B 72 -7.70 11.68 -12.52
N LEU B 73 -8.41 10.54 -12.44
CA LEU B 73 -8.53 9.58 -13.55
C LEU B 73 -9.30 10.09 -14.77
N ALA B 74 -10.62 10.25 -14.60
CA ALA B 74 -11.49 10.72 -15.67
C ALA B 74 -10.98 12.02 -16.33
N GLY B 75 -10.18 12.80 -15.58
CA GLY B 75 -9.58 14.03 -16.11
C GLY B 75 -8.21 13.87 -16.77
N SER B 76 -7.69 12.64 -16.82
CA SER B 76 -6.39 12.43 -17.48
C SER B 76 -6.58 11.61 -18.76
N LEU B 77 -6.14 12.16 -19.89
CA LEU B 77 -6.52 11.61 -21.20
C LEU B 77 -5.39 10.94 -21.98
N GLU B 78 -4.15 11.19 -21.58
CA GLU B 78 -2.99 10.44 -22.10
C GLU B 78 -2.00 10.18 -20.96
N ARG B 79 -1.12 9.20 -21.16
CA ARG B 79 -0.08 8.84 -20.21
C ARG B 79 0.80 10.05 -19.82
N ASP B 80 1.37 10.71 -20.83
CA ASP B 80 2.33 11.81 -20.60
CA ASP B 80 2.32 11.82 -20.61
C ASP B 80 1.67 13.06 -20.00
N SER B 81 0.36 13.20 -20.15
CA SER B 81 -0.37 14.37 -19.64
C SER B 81 -1.20 14.10 -18.38
N ALA B 82 -1.07 12.90 -17.81
CA ALA B 82 -1.82 12.55 -16.59
C ALA B 82 -1.53 13.49 -15.41
N SER B 83 -2.57 13.74 -14.61
CA SER B 83 -2.46 14.55 -13.40
C SER B 83 -1.30 14.07 -12.52
N ALA B 84 -0.66 15.02 -11.85
CA ALA B 84 0.53 14.73 -11.06
C ALA B 84 0.29 13.65 -10.01
N ASP B 85 -0.90 13.61 -9.42
CA ASP B 85 -1.16 12.60 -8.39
C ASP B 85 -1.49 11.20 -8.93
N LEU B 86 -1.67 11.10 -10.25
CA LEU B 86 -2.01 9.82 -10.88
C LEU B 86 -0.77 9.13 -11.38
N GLN B 87 0.16 9.93 -11.90
CA GLN B 87 1.45 9.45 -12.41
C GLN B 87 2.13 8.35 -11.56
N PRO B 88 2.27 8.55 -10.22
CA PRO B 88 2.95 7.50 -9.46
C PRO B 88 2.21 6.16 -9.42
N HIS B 89 0.87 6.19 -9.39
CA HIS B 89 0.08 4.97 -9.47
C HIS B 89 0.25 4.25 -10.81
N LEU B 90 0.28 5.02 -11.92
CA LEU B 90 0.65 4.45 -13.24
C LEU B 90 2.04 3.80 -13.24
N GLN B 91 3.04 4.51 -12.73
CA GLN B 91 4.40 3.99 -12.65
CA GLN B 91 4.40 3.99 -12.65
C GLN B 91 4.44 2.71 -11.81
N ALA B 92 3.69 2.70 -10.73
CA ALA B 92 3.64 1.54 -9.84
C ALA B 92 3.15 0.29 -10.59
N ILE B 93 2.05 0.44 -11.32
CA ILE B 93 1.52 -0.63 -12.17
C ILE B 93 2.56 -1.05 -13.19
N GLU B 94 3.17 -0.05 -13.84
CA GLU B 94 4.11 -0.30 -14.92
C GLU B 94 5.39 -0.98 -14.44
N GLN B 95 5.69 -0.88 -13.14
CA GLN B 95 6.89 -1.48 -12.56
CA GLN B 95 6.89 -1.53 -12.62
C GLN B 95 6.58 -2.65 -11.63
N ALA B 96 5.30 -2.99 -11.48
CA ALA B 96 4.94 -4.12 -10.60
C ALA B 96 5.58 -5.45 -11.03
N ASP B 97 6.04 -6.25 -10.07
CA ASP B 97 6.39 -7.66 -10.34
C ASP B 97 5.17 -8.59 -10.38
N LEU B 98 4.10 -8.20 -9.67
CA LEU B 98 2.86 -8.98 -9.53
C LEU B 98 1.67 -8.02 -9.45
N LEU B 99 0.65 -8.25 -10.28
CA LEU B 99 -0.55 -7.43 -10.27
CA LEU B 99 -0.57 -7.44 -10.25
C LEU B 99 -1.77 -8.22 -9.78
N LEU B 100 -2.50 -7.64 -8.82
CA LEU B 100 -3.77 -8.24 -8.39
C LEU B 100 -4.82 -7.22 -8.75
N VAL B 101 -5.80 -7.63 -9.56
CA VAL B 101 -6.79 -6.68 -10.06
C VAL B 101 -8.19 -7.21 -9.79
N GLY B 102 -9.07 -6.30 -9.38
CA GLY B 102 -10.40 -6.67 -9.05
C GLY B 102 -11.33 -5.54 -9.42
N SER B 103 -12.51 -5.91 -9.89
CA SER B 103 -13.55 -4.95 -10.23
C SER B 103 -14.90 -5.53 -9.86
N PRO B 104 -15.82 -4.68 -9.39
CA PRO B 104 -17.21 -5.13 -9.35
C PRO B 104 -17.71 -5.32 -10.80
N VAL B 105 -18.74 -6.14 -11.00
CA VAL B 105 -19.27 -6.35 -12.33
C VAL B 105 -20.26 -5.22 -12.63
N TYR B 106 -19.96 -4.45 -13.67
CA TYR B 106 -20.84 -3.43 -14.21
C TYR B 106 -21.11 -3.70 -15.67
N ARG B 107 -22.38 -3.81 -16.05
CA ARG B 107 -22.75 -3.99 -17.45
C ARG B 107 -22.03 -5.24 -18.00
N ALA B 108 -22.05 -6.30 -17.18
CA ALA B 108 -21.46 -7.60 -17.49
C ALA B 108 -19.95 -7.54 -17.80
N SER B 109 -19.27 -6.57 -17.20
CA SER B 109 -17.85 -6.33 -17.42
C SER B 109 -17.23 -5.65 -16.18
N TYR B 110 -15.97 -5.22 -16.27
CA TYR B 110 -15.37 -4.39 -15.21
C TYR B 110 -15.85 -2.94 -15.37
N THR B 111 -15.57 -2.07 -14.40
CA THR B 111 -16.06 -0.70 -14.50
C THR B 111 -15.32 0.04 -15.58
N GLY B 112 -15.99 1.04 -16.15
CA GLY B 112 -15.32 1.93 -17.07
C GLY B 112 -14.13 2.66 -16.48
N LEU B 113 -14.20 3.06 -15.20
CA LEU B 113 -13.03 3.80 -14.65
C LEU B 113 -11.81 2.89 -14.45
N PHE B 114 -12.02 1.63 -14.07
CA PHE B 114 -10.95 0.62 -14.07
C PHE B 114 -10.33 0.54 -15.46
N LYS B 115 -11.17 0.51 -16.51
CA LYS B 115 -10.66 0.36 -17.87
C LYS B 115 -9.86 1.59 -18.26
N HIS B 116 -10.39 2.75 -17.89
CA HIS B 116 -9.71 4.01 -18.22
C HIS B 116 -8.29 4.06 -17.62
N LEU B 117 -8.15 3.62 -16.39
CA LEU B 117 -6.81 3.44 -15.81
C LEU B 117 -5.88 2.63 -16.70
N PHE B 118 -6.35 1.48 -17.20
CA PHE B 118 -5.53 0.66 -18.12
C PHE B 118 -5.38 1.20 -19.52
N ASP B 119 -6.32 2.08 -19.91
CA ASP B 119 -6.16 2.85 -21.13
C ASP B 119 -4.98 3.82 -21.06
N LEU B 120 -4.53 4.14 -19.84
CA LEU B 120 -3.36 5.04 -19.65
C LEU B 120 -2.03 4.29 -19.39
N VAL B 121 -2.11 3.18 -18.65
CA VAL B 121 -0.95 2.33 -18.36
C VAL B 121 -0.18 1.98 -19.63
N ASP B 122 1.14 2.14 -19.62
CA ASP B 122 1.92 1.84 -20.83
C ASP B 122 1.66 0.39 -21.34
N HIS B 123 1.33 0.25 -22.62
CA HIS B 123 0.89 -1.06 -23.14
C HIS B 123 2.02 -2.05 -23.40
N GLN B 124 3.27 -1.62 -23.23
CA GLN B 124 4.44 -2.51 -23.28
C GLN B 124 4.90 -2.96 -21.89
N SER B 125 4.33 -2.37 -20.85
CA SER B 125 4.88 -2.57 -19.50
C SER B 125 4.45 -3.84 -18.74
N LEU B 126 3.39 -4.53 -19.18
CA LEU B 126 2.91 -5.67 -18.40
C LEU B 126 3.22 -7.04 -19.04
N LYS B 127 3.99 -7.06 -20.14
CA LYS B 127 4.25 -8.33 -20.85
C LYS B 127 4.91 -9.33 -19.93
N GLY B 128 4.30 -10.51 -19.80
CA GLY B 128 4.87 -11.56 -18.97
C GLY B 128 4.71 -11.34 -17.49
N VAL B 129 4.06 -10.25 -17.08
CA VAL B 129 3.87 -9.98 -15.63
C VAL B 129 2.69 -10.81 -15.10
N PRO B 130 2.88 -11.54 -13.97
CA PRO B 130 1.74 -12.34 -13.48
C PRO B 130 0.63 -11.48 -12.94
N VAL B 131 -0.60 -11.84 -13.29
CA VAL B 131 -1.78 -11.09 -12.93
C VAL B 131 -2.82 -12.06 -12.36
N VAL B 132 -3.31 -11.74 -11.17
CA VAL B 132 -4.46 -12.45 -10.60
C VAL B 132 -5.72 -11.63 -10.91
N LEU B 133 -6.71 -12.30 -11.52
CA LEU B 133 -7.98 -11.68 -11.89
C LEU B 133 -9.06 -11.95 -10.83
N ALA B 134 -9.76 -10.90 -10.40
CA ALA B 134 -10.81 -11.03 -9.39
C ALA B 134 -12.02 -10.14 -9.72
N ALA B 135 -13.21 -10.59 -9.35
CA ALA B 135 -14.39 -9.77 -9.52
C ALA B 135 -15.44 -10.12 -8.47
N THR B 136 -16.34 -9.15 -8.21
CA THR B 136 -17.48 -9.31 -7.34
C THR B 136 -18.73 -8.89 -8.12
N GLY B 137 -19.77 -9.72 -8.08
CA GLY B 137 -20.96 -9.45 -8.88
C GLY B 137 -22.20 -9.55 -8.04
N GLY B 138 -23.22 -8.82 -8.44
CA GLY B 138 -24.56 -9.02 -7.90
C GLY B 138 -25.06 -10.42 -8.21
N SER B 139 -24.52 -11.01 -9.28
CA SER B 139 -25.02 -12.31 -9.77
C SER B 139 -23.96 -13.30 -10.21
N GLU B 140 -24.27 -14.59 -10.04
CA GLU B 140 -23.49 -15.66 -10.63
C GLU B 140 -23.62 -15.66 -12.17
N ARG B 141 -24.69 -15.05 -12.69
CA ARG B 141 -24.93 -15.14 -14.12
CA ARG B 141 -24.95 -15.09 -14.12
C ARG B 141 -23.89 -14.38 -14.97
N HIS B 142 -23.07 -13.56 -14.32
CA HIS B 142 -21.98 -12.83 -15.01
C HIS B 142 -20.57 -13.37 -14.74
N ALA B 143 -20.50 -14.62 -14.26
CA ALA B 143 -19.23 -15.27 -13.89
C ALA B 143 -18.21 -15.32 -15.06
N LEU B 144 -18.71 -15.49 -16.28
CA LEU B 144 -17.84 -15.48 -17.48
C LEU B 144 -17.14 -14.16 -17.77
N ILE B 146 -14.99 -13.01 -15.99
CA ILE B 146 -13.56 -13.24 -15.67
C ILE B 146 -12.78 -13.56 -16.96
N ASP B 147 -13.33 -14.47 -17.75
CA ASP B 147 -12.59 -15.07 -18.87
C ASP B 147 -12.91 -14.42 -20.20
N HIS B 148 -14.06 -13.73 -20.29
CA HIS B 148 -14.44 -12.99 -21.53
C HIS B 148 -14.23 -11.46 -21.49
N GLN B 149 -13.91 -10.91 -20.32
CA GLN B 149 -13.67 -9.45 -20.16
CA GLN B 149 -13.64 -9.46 -20.22
C GLN B 149 -12.31 -9.14 -19.52
N LEU B 150 -12.17 -9.53 -18.26
CA LEU B 150 -10.89 -9.30 -17.56
C LEU B 150 -9.71 -10.04 -18.21
N ARG B 151 -9.86 -11.35 -18.51
CA ARG B 151 -8.71 -12.03 -19.06
C ARG B 151 -8.26 -11.46 -20.42
N PRO B 152 -9.21 -11.16 -21.34
CA PRO B 152 -8.78 -10.54 -22.62
C PRO B 152 -8.11 -9.17 -22.44
N LEU B 153 -8.57 -8.40 -21.44
CA LEU B 153 -7.95 -7.12 -21.17
C LEU B 153 -6.47 -7.30 -20.89
N PHE B 154 -6.16 -8.24 -20.00
CA PHE B 154 -4.77 -8.48 -19.64
C PHE B 154 -3.97 -9.23 -20.70
N ALA B 155 -4.66 -10.09 -21.46
CA ALA B 155 -4.06 -10.66 -22.68
C ALA B 155 -3.67 -9.63 -23.73
N PHE B 156 -4.40 -8.51 -23.83
CA PHE B 156 -3.99 -7.45 -24.74
C PHE B 156 -2.57 -6.92 -24.40
N PHE B 157 -2.31 -6.80 -23.10
CA PHE B 157 -0.99 -6.47 -22.56
C PHE B 157 0.03 -7.62 -22.66
N GLN B 158 -0.43 -8.79 -23.09
CA GLN B 158 0.38 -10.03 -23.10
C GLN B 158 0.87 -10.36 -21.69
N ALA B 159 0.06 -9.97 -20.73
CA ALA B 159 0.41 -10.21 -19.34
C ALA B 159 0.24 -11.69 -19.05
N HIS B 160 0.88 -12.17 -17.99
CA HIS B 160 0.76 -13.58 -17.61
C HIS B 160 -0.41 -13.79 -16.63
N THR B 161 -1.64 -13.77 -17.13
CA THR B 161 -2.77 -14.03 -16.24
C THR B 161 -2.62 -15.44 -15.69
N LEU B 162 -2.94 -15.58 -14.40
CA LEU B 162 -2.75 -16.86 -13.73
C LEU B 162 -4.06 -17.62 -13.85
N PRO B 163 -4.01 -18.97 -13.81
CA PRO B 163 -5.17 -19.73 -14.28
C PRO B 163 -6.47 -19.60 -13.49
N TYR B 164 -6.38 -19.45 -12.16
CA TYR B 164 -7.57 -19.44 -11.30
C TYR B 164 -7.95 -17.99 -11.04
N GLY B 165 -9.10 -17.60 -11.59
CA GLY B 165 -9.65 -16.28 -11.30
C GLY B 165 -10.59 -16.39 -10.08
N LEU B 166 -10.85 -15.26 -9.42
CA LEU B 166 -11.77 -15.22 -8.30
C LEU B 166 -13.01 -14.48 -8.73
N TYR B 167 -14.16 -15.09 -8.48
CA TYR B 167 -15.44 -14.44 -8.78
C TYR B 167 -16.35 -14.72 -7.59
N ALA B 168 -16.71 -13.68 -6.87
CA ALA B 168 -17.51 -13.86 -5.67
C ALA B 168 -18.79 -13.03 -5.81
N SER B 169 -19.94 -13.67 -5.71
CA SER B 169 -21.19 -12.90 -5.71
C SER B 169 -21.49 -12.37 -4.31
N VAL B 170 -22.53 -11.55 -4.21
CA VAL B 170 -22.80 -10.84 -2.95
CA VAL B 170 -22.90 -10.84 -2.97
C VAL B 170 -22.99 -11.75 -1.73
N GLU B 171 -23.48 -12.97 -1.93
CA GLU B 171 -23.71 -13.93 -0.86
CA GLU B 171 -23.70 -13.91 -0.82
C GLU B 171 -22.42 -14.41 -0.16
N SER B 172 -21.28 -14.20 -0.81
CA SER B 172 -19.99 -14.59 -0.22
C SER B 172 -19.49 -13.63 0.87
N PHE B 173 -20.19 -12.53 1.10
CA PHE B 173 -19.67 -11.41 1.91
C PHE B 173 -20.57 -11.04 3.09
N ASP B 174 -19.96 -10.59 4.18
CA ASP B 174 -20.70 -9.94 5.27
C ASP B 174 -20.38 -8.46 5.18
N ASP B 175 -21.32 -7.68 4.68
CA ASP B 175 -21.05 -6.28 4.29
C ASP B 175 -19.94 -6.29 3.23
N GLN B 176 -18.76 -5.77 3.56
CA GLN B 176 -17.69 -5.72 2.57
C GLN B 176 -16.60 -6.75 2.83
N ARG B 177 -16.80 -7.58 3.85
CA ARG B 177 -15.77 -8.57 4.23
C ARG B 177 -16.06 -9.92 3.61
N LEU B 178 -15.06 -10.52 2.98
CA LEU B 178 -15.21 -11.90 2.53
C LEU B 178 -15.53 -12.84 3.70
N ALA B 179 -16.59 -13.64 3.58
CA ALA B 179 -17.01 -14.54 4.66
C ALA B 179 -17.39 -15.94 4.17
N ASP B 180 -16.79 -16.38 3.07
CA ASP B 180 -17.20 -17.63 2.43
C ASP B 180 -15.98 -18.59 2.40
N PRO B 181 -16.03 -19.72 3.14
CA PRO B 181 -14.88 -20.62 3.20
C PRO B 181 -14.42 -21.09 1.82
N ALA B 182 -15.36 -21.23 0.88
CA ALA B 182 -15.06 -21.64 -0.49
C ALA B 182 -14.13 -20.66 -1.20
N GLN B 183 -14.40 -19.37 -1.03
CA GLN B 183 -13.59 -18.32 -1.64
C GLN B 183 -12.20 -18.26 -0.99
N PHE B 184 -12.13 -18.40 0.33
CA PHE B 184 -10.83 -18.49 1.05
C PHE B 184 -10.01 -19.68 0.54
N GLU B 185 -10.67 -20.80 0.29
CA GLU B 185 -9.92 -21.91 -0.30
C GLU B 185 -9.42 -21.65 -1.73
N ARG B 186 -10.21 -20.96 -2.51
CA ARG B 186 -9.79 -20.64 -3.86
C ARG B 186 -8.60 -19.67 -3.83
N ILE B 187 -8.61 -18.74 -2.88
CA ILE B 187 -7.47 -17.85 -2.64
C ILE B 187 -6.18 -18.64 -2.36
N GLU B 188 -6.29 -19.73 -1.60
CA GLU B 188 -5.14 -20.62 -1.36
C GLU B 188 -4.61 -21.26 -2.64
N ARG B 189 -5.52 -21.69 -3.51
CA ARG B 189 -5.15 -22.20 -4.84
C ARG B 189 -4.46 -21.12 -5.70
N VAL B 190 -4.97 -19.90 -5.66
CA VAL B 190 -4.30 -18.76 -6.37
C VAL B 190 -2.88 -18.56 -5.85
N LEU B 191 -2.75 -18.58 -4.51
CA LEU B 191 -1.46 -18.47 -3.88
C LEU B 191 -0.51 -19.58 -4.29
N ASP B 192 -0.99 -20.84 -4.37
CA ASP B 192 -0.13 -21.90 -4.94
C ASP B 192 0.47 -21.43 -6.28
N THR B 193 -0.35 -20.83 -7.14
CA THR B 193 0.17 -20.47 -8.50
C THR B 193 1.15 -19.29 -8.41
N VAL B 194 0.95 -18.43 -7.42
CA VAL B 194 1.84 -17.27 -7.22
C VAL B 194 3.18 -17.76 -6.70
N GLY B 195 3.18 -18.61 -5.69
CA GLY B 195 4.45 -19.22 -5.19
C GLY B 195 5.20 -19.95 -6.29
N ALA B 196 4.46 -20.75 -7.08
CA ALA B 196 5.06 -21.48 -8.21
C ALA B 196 5.69 -20.56 -9.27
N PHE B 197 4.97 -19.49 -9.63
CA PHE B 197 5.49 -18.53 -10.66
C PHE B 197 6.81 -17.91 -10.24
N PHE B 198 6.93 -17.60 -8.96
CA PHE B 198 8.15 -17.00 -8.44
C PHE B 198 9.18 -18.03 -8.01
N HIS B 199 8.89 -19.31 -8.31
CA HIS B 199 9.85 -20.41 -8.05
C HIS B 199 10.18 -20.48 -6.56
N ILE B 200 9.21 -20.18 -5.71
CA ILE B 200 9.40 -20.23 -4.25
C ILE B 200 9.28 -21.68 -3.81
N PRO B 201 10.31 -22.22 -3.10
CA PRO B 201 10.31 -23.64 -2.70
C PRO B 201 8.98 -24.08 -2.10
N VAL B 202 8.30 -24.98 -2.82
CA VAL B 202 6.95 -25.44 -2.46
C VAL B 202 6.94 -26.18 -1.11
N ALA B 203 6.67 -25.41 -0.06
CA ALA B 203 6.58 -25.96 1.30
C ALA B 203 5.20 -25.68 1.90
#